data_1F9O
#
_entry.id   1F9O
#
_cell.length_a   61.600
_cell.length_b   84.570
_cell.length_c   121.820
_cell.angle_alpha   90.00
_cell.angle_beta   90.00
_cell.angle_gamma   90.00
#
_symmetry.space_group_name_H-M   'P 21 21 21'
#
loop_
_entity.id
_entity.type
_entity.pdbx_description
1 polymer 'ENDO-1,4-BETA-GLUCANASE F'
2 branched 'beta-D-glucopyranose-(1-4)-beta-D-glucopyranose-(1-4)-4-iodophenyl 1,4-dithio-beta-D-glucopyranoside'
3 non-polymer 'CALCIUM ION'
4 water water
#
_entity_poly.entity_id   1
_entity_poly.type   'polypeptide(L)'
_entity_poly.pdbx_seq_one_letter_code
;ASSPANKVYQDRFESMYSKIKDPANGYFSEQGIPYHSIETLMVEAPDYGHVTTSEAMSYYMWLEAMHGRFSGDFTGFDKS
WSVTEQYLIPTEKDQPNTSMSRYDANKPATYAPEFQDPSKYPSPLDTSQPVGRDPINSQLTSAYGTSMLYGMHWILDVDN
WYGFGARADGTSKPSYINTFQRGEQESTWETIPQPCWDEHKFGGQYGFLDLFTKDTGTPAKQFKYTNAPDADARAVQATY
WADQWAKEQGKSVSTSVGKATKMGDYLRYSFFDKYFRKIGQPSQAGTGYDAAHYLLSWYYAWGGGIDSTWSWIIGSSHNH
FGYQNPFAAWVLSTDANFKPKSSNGASDWAKSLDRQLEFYQWLQSAEGAIAGGATNSWNGRYEAVPSGTSTFYGMGYVEN
PVYADPGSNTWFGMQVWSMQRVAELYYKTGDARAKKLLDKWAKWINGEIKFNADGTFQIPSTIDWEGQPDTWNPTQGYTG
NANLHVKVVNYGTDLGCASSLANTLTYYAAKSGDETSRQNAQKLLDAMWNNYSDSKGISTVEQRGDYHRFLDQEVFVPAG
WTGKMPNGDVIKSGVKFIDIRSKYKQDPEWQTMVAALQAGQVPTQRLHRFWAQSEFAVANGVYAILFPD
;
_entity_poly.pdbx_strand_id   A
#
# COMPACT_ATOMS: atom_id res chain seq x y z
N ALA A 1 27.81 -12.13 -17.60
CA ALA A 1 26.78 -13.15 -17.23
C ALA A 1 26.51 -13.16 -15.73
N SER A 2 25.30 -13.56 -15.36
CA SER A 2 24.90 -13.60 -13.95
C SER A 2 25.75 -14.52 -13.09
N SER A 3 26.02 -14.07 -11.88
CA SER A 3 26.80 -14.82 -10.91
C SER A 3 26.08 -16.10 -10.50
N PRO A 4 26.84 -17.16 -10.16
CA PRO A 4 26.24 -18.44 -9.76
C PRO A 4 25.39 -18.33 -8.50
N ALA A 5 24.28 -19.05 -8.46
CA ALA A 5 23.39 -19.00 -7.31
C ALA A 5 23.20 -20.35 -6.65
N ASN A 6 22.84 -20.31 -5.37
CA ASN A 6 22.60 -21.51 -4.58
C ASN A 6 21.46 -22.31 -5.19
N LYS A 7 21.82 -23.41 -5.87
CA LYS A 7 20.86 -24.26 -6.56
C LYS A 7 19.68 -24.76 -5.73
N VAL A 8 19.91 -25.08 -4.47
CA VAL A 8 18.83 -25.58 -3.63
C VAL A 8 17.68 -24.57 -3.55
N TYR A 9 18.01 -23.34 -3.17
CA TYR A 9 17.03 -22.29 -3.02
C TYR A 9 16.51 -21.75 -4.35
N GLN A 10 17.31 -21.87 -5.40
CA GLN A 10 16.87 -21.42 -6.73
C GLN A 10 15.75 -22.36 -7.16
N ASP A 11 15.94 -23.66 -6.90
CA ASP A 11 14.96 -24.68 -7.24
C ASP A 11 13.64 -24.39 -6.54
N ARG A 12 13.72 -23.99 -5.28
CA ARG A 12 12.53 -23.70 -4.51
C ARG A 12 11.76 -22.54 -5.10
N PHE A 13 12.47 -21.54 -5.62
CA PHE A 13 11.82 -20.39 -6.24
C PHE A 13 11.10 -20.86 -7.51
N GLU A 14 11.81 -21.62 -8.34
CA GLU A 14 11.27 -22.15 -9.59
C GLU A 14 10.01 -22.96 -9.33
N SER A 15 10.02 -23.73 -8.24
CA SER A 15 8.86 -24.54 -7.86
C SER A 15 7.68 -23.63 -7.57
N MET A 16 7.88 -22.69 -6.65
CA MET A 16 6.84 -21.73 -6.28
C MET A 16 6.35 -20.97 -7.51
N TYR A 17 7.27 -20.59 -8.39
CA TYR A 17 6.89 -19.87 -9.59
C TYR A 17 5.90 -20.68 -10.43
N SER A 18 6.15 -21.97 -10.56
CA SER A 18 5.25 -22.82 -11.35
C SER A 18 3.90 -22.92 -10.70
N LYS A 19 3.89 -22.97 -9.37
CA LYS A 19 2.65 -23.07 -8.62
C LYS A 19 1.85 -21.78 -8.73
N ILE A 20 2.53 -20.64 -8.64
CA ILE A 20 1.84 -19.37 -8.73
C ILE A 20 1.25 -19.11 -10.12
N LYS A 21 1.97 -19.49 -11.18
CA LYS A 21 1.51 -19.26 -12.55
C LYS A 21 0.60 -20.37 -13.08
N ASP A 22 0.58 -21.51 -12.41
CA ASP A 22 -0.25 -22.63 -12.85
C ASP A 22 -1.74 -22.30 -12.94
N PRO A 23 -2.28 -22.27 -14.17
CA PRO A 23 -3.70 -21.96 -14.37
C PRO A 23 -4.66 -22.80 -13.54
N ALA A 24 -4.25 -24.00 -13.19
CA ALA A 24 -5.10 -24.87 -12.38
C ALA A 24 -5.27 -24.34 -10.97
N ASN A 25 -4.27 -23.62 -10.47
CA ASN A 25 -4.32 -23.07 -9.12
C ASN A 25 -5.18 -21.81 -8.92
N GLY A 26 -5.50 -21.12 -10.01
CA GLY A 26 -6.36 -19.95 -9.92
C GLY A 26 -5.90 -18.65 -9.27
N TYR A 27 -4.62 -18.33 -9.31
CA TYR A 27 -4.14 -17.07 -8.73
C TYR A 27 -4.48 -15.87 -9.62
N PHE A 28 -4.69 -16.12 -10.91
CA PHE A 28 -5.00 -15.05 -11.87
C PHE A 28 -6.38 -15.16 -12.49
N SER A 29 -6.89 -14.03 -12.97
CA SER A 29 -8.18 -14.02 -13.64
C SER A 29 -7.90 -14.28 -15.11
N GLU A 30 -8.94 -14.50 -15.90
CA GLU A 30 -8.76 -14.77 -17.32
C GLU A 30 -8.12 -13.62 -18.09
N GLN A 31 -7.95 -12.47 -17.45
CA GLN A 31 -7.31 -11.34 -18.12
C GLN A 31 -5.85 -11.21 -17.71
N GLY A 32 -5.38 -12.14 -16.90
CA GLY A 32 -3.99 -12.10 -16.47
C GLY A 32 -3.76 -11.22 -15.26
N ILE A 33 -4.83 -10.88 -14.56
CA ILE A 33 -4.71 -10.04 -13.37
C ILE A 33 -4.66 -10.92 -12.13
N PRO A 34 -3.70 -10.67 -11.23
CA PRO A 34 -3.64 -11.51 -10.04
C PRO A 34 -4.73 -11.12 -9.03
N TYR A 35 -5.25 -12.13 -8.33
CA TYR A 35 -6.28 -11.91 -7.30
C TYR A 35 -5.58 -11.64 -5.98
N HIS A 36 -6.31 -11.07 -5.02
CA HIS A 36 -5.70 -10.81 -3.72
C HIS A 36 -5.41 -12.17 -3.07
N SER A 37 -6.26 -13.14 -3.35
CA SER A 37 -6.11 -14.49 -2.82
C SER A 37 -6.98 -15.44 -3.62
N ILE A 38 -6.62 -16.71 -3.62
CA ILE A 38 -7.39 -17.70 -4.35
C ILE A 38 -8.79 -17.79 -3.76
N GLU A 39 -8.87 -17.87 -2.44
CA GLU A 39 -10.16 -17.96 -1.75
C GLU A 39 -10.91 -16.64 -1.89
N THR A 40 -12.22 -16.73 -2.14
CA THR A 40 -13.04 -15.52 -2.29
C THR A 40 -13.54 -14.94 -0.96
N LEU A 41 -13.84 -15.79 0.03
CA LEU A 41 -14.32 -15.29 1.33
C LEU A 41 -13.12 -14.66 2.02
N MET A 42 -12.87 -13.38 1.71
CA MET A 42 -11.72 -12.67 2.25
C MET A 42 -11.99 -11.21 2.64
N VAL A 43 -11.67 -10.85 3.88
CA VAL A 43 -11.85 -9.48 4.37
C VAL A 43 -10.71 -9.04 5.32
N GLU A 44 -9.95 -8.04 4.91
CA GLU A 44 -8.85 -7.50 5.72
C GLU A 44 -8.41 -6.11 5.25
N ALA A 45 -8.13 -5.99 3.95
CA ALA A 45 -7.77 -4.71 3.35
C ALA A 45 -8.85 -4.66 2.28
N PRO A 46 -8.78 -5.55 1.29
CA PRO A 46 -9.91 -5.42 0.35
C PRO A 46 -11.00 -6.21 1.10
N ASP A 47 -12.26 -6.10 0.69
CA ASP A 47 -13.32 -6.84 1.39
C ASP A 47 -13.85 -8.03 0.58
N TYR A 48 -13.07 -8.45 -0.41
CA TYR A 48 -13.44 -9.58 -1.26
C TYR A 48 -12.16 -10.18 -1.84
N GLY A 49 -12.07 -11.50 -1.80
CA GLY A 49 -10.90 -12.20 -2.29
C GLY A 49 -10.48 -11.92 -3.71
N HIS A 50 -11.42 -11.77 -4.63
CA HIS A 50 -11.06 -11.53 -6.02
C HIS A 50 -11.05 -10.09 -6.52
N VAL A 51 -10.85 -9.15 -5.60
CA VAL A 51 -10.70 -7.75 -5.99
C VAL A 51 -9.19 -7.63 -5.76
N THR A 52 -8.47 -7.01 -6.68
CA THR A 52 -7.05 -6.90 -6.47
C THR A 52 -6.61 -5.49 -6.09
N THR A 53 -5.32 -5.36 -5.78
CA THR A 53 -4.76 -4.09 -5.36
C THR A 53 -3.52 -3.75 -6.19
N SER A 54 -3.03 -2.51 -6.07
CA SER A 54 -1.84 -2.13 -6.80
C SER A 54 -0.69 -2.88 -6.12
N GLU A 55 -0.82 -3.05 -4.83
CA GLU A 55 0.13 -3.79 -4.03
C GLU A 55 0.38 -5.17 -4.65
N ALA A 56 -0.69 -5.79 -5.15
CA ALA A 56 -0.59 -7.12 -5.77
C ALA A 56 0.20 -7.05 -7.08
N MET A 57 -0.13 -6.09 -7.93
CA MET A 57 0.57 -5.94 -9.20
C MET A 57 2.06 -5.73 -9.00
N SER A 58 2.42 -4.94 -8.00
CA SER A 58 3.83 -4.67 -7.71
C SER A 58 4.54 -5.95 -7.29
N TYR A 59 3.83 -6.84 -6.60
CA TYR A 59 4.43 -8.11 -6.18
C TYR A 59 4.48 -9.02 -7.38
N TYR A 60 3.62 -8.75 -8.36
CA TYR A 60 3.58 -9.55 -9.56
C TYR A 60 4.86 -9.22 -10.36
N MET A 61 5.18 -7.93 -10.42
CA MET A 61 6.38 -7.46 -11.14
C MET A 61 7.67 -8.00 -10.51
N TRP A 62 7.69 -8.06 -9.19
CA TRP A 62 8.85 -8.53 -8.43
C TRP A 62 9.11 -9.99 -8.73
N LEU A 63 8.05 -10.79 -8.71
CA LEU A 63 8.12 -12.21 -8.98
C LEU A 63 8.70 -12.47 -10.37
N GLU A 64 8.14 -11.79 -11.37
CA GLU A 64 8.57 -11.95 -12.75
C GLU A 64 10.01 -11.49 -12.98
N ALA A 65 10.44 -10.48 -12.25
CA ALA A 65 11.81 -9.98 -12.37
C ALA A 65 12.76 -11.07 -11.86
N MET A 66 12.39 -11.72 -10.77
CA MET A 66 13.19 -12.77 -10.17
C MET A 66 13.24 -13.97 -11.11
N HIS A 67 12.16 -14.18 -11.85
CA HIS A 67 12.09 -15.27 -12.82
C HIS A 67 13.02 -14.97 -13.99
N GLY A 68 13.06 -13.71 -14.42
CA GLY A 68 13.94 -13.35 -15.51
C GLY A 68 15.38 -13.66 -15.13
N ARG A 69 15.73 -13.34 -13.89
CA ARG A 69 17.08 -13.56 -13.38
C ARG A 69 17.53 -15.02 -13.46
N PHE A 70 16.60 -15.95 -13.28
CA PHE A 70 16.97 -17.36 -13.32
C PHE A 70 16.71 -18.09 -14.63
N SER A 71 15.85 -17.53 -15.48
CA SER A 71 15.54 -18.19 -16.75
C SER A 71 16.05 -17.43 -17.96
N GLY A 72 16.43 -16.17 -17.76
CA GLY A 72 16.90 -15.39 -18.88
C GLY A 72 15.73 -14.89 -19.71
N ASP A 73 14.52 -15.17 -19.25
CA ASP A 73 13.32 -14.76 -19.95
C ASP A 73 12.64 -13.60 -19.23
N PHE A 74 12.60 -12.43 -19.86
CA PHE A 74 11.98 -11.27 -19.22
C PHE A 74 10.66 -10.83 -19.81
N THR A 75 10.11 -11.63 -20.71
CA THR A 75 8.84 -11.32 -21.34
C THR A 75 7.66 -11.35 -20.36
N GLY A 76 7.81 -12.10 -19.27
CA GLY A 76 6.75 -12.17 -18.27
C GLY A 76 6.70 -10.92 -17.40
N PHE A 77 7.86 -10.29 -17.24
CA PHE A 77 7.98 -9.07 -16.47
C PHE A 77 7.40 -7.96 -17.33
N ASP A 78 7.61 -8.04 -18.64
CA ASP A 78 7.06 -7.04 -19.55
C ASP A 78 5.54 -7.16 -19.59
N LYS A 79 5.03 -8.39 -19.54
CA LYS A 79 3.58 -8.55 -19.57
C LYS A 79 3.01 -8.06 -18.25
N SER A 80 3.81 -8.17 -17.18
CA SER A 80 3.33 -7.74 -15.89
C SER A 80 3.10 -6.22 -15.93
N TRP A 81 3.95 -5.50 -16.66
CA TRP A 81 3.79 -4.04 -16.80
C TRP A 81 2.70 -3.68 -17.81
N SER A 82 2.37 -4.58 -18.72
CA SER A 82 1.33 -4.29 -19.71
C SER A 82 -0.04 -4.35 -19.04
N VAL A 83 -0.25 -5.38 -18.23
CA VAL A 83 -1.50 -5.56 -17.51
C VAL A 83 -1.78 -4.37 -16.59
N THR A 84 -0.73 -3.90 -15.93
CA THR A 84 -0.85 -2.76 -15.02
C THR A 84 -1.36 -1.54 -15.78
N GLU A 85 -0.60 -1.11 -16.78
CA GLU A 85 -0.94 0.06 -17.59
C GLU A 85 -2.32 -0.03 -18.25
N GLN A 86 -2.73 -1.25 -18.58
CA GLN A 86 -4.00 -1.50 -19.23
C GLN A 86 -5.18 -1.47 -18.26
N TYR A 87 -4.99 -2.06 -17.08
CA TYR A 87 -6.07 -2.16 -16.09
C TYR A 87 -6.03 -1.40 -14.77
N LEU A 88 -4.85 -1.01 -14.29
CA LEU A 88 -4.77 -0.30 -13.01
C LEU A 88 -4.44 1.19 -13.12
N ILE A 89 -3.87 1.60 -14.25
CA ILE A 89 -3.55 3.01 -14.49
C ILE A 89 -4.66 3.52 -15.39
N PRO A 90 -5.54 4.39 -14.86
CA PRO A 90 -6.66 4.93 -15.64
C PRO A 90 -6.26 5.40 -17.05
N THR A 91 -6.98 4.91 -18.05
CA THR A 91 -6.73 5.27 -19.45
C THR A 91 -7.31 6.64 -19.79
N GLU A 92 -7.29 6.98 -21.07
CA GLU A 92 -7.80 8.26 -21.55
C GLU A 92 -9.29 8.34 -21.33
N LYS A 93 -9.99 7.21 -21.45
CA LYS A 93 -11.43 7.17 -21.25
C LYS A 93 -11.78 7.32 -19.78
N ASP A 94 -10.96 6.75 -18.90
CA ASP A 94 -11.21 6.79 -17.47
C ASP A 94 -10.88 8.11 -16.81
N GLN A 95 -9.92 8.86 -17.34
CA GLN A 95 -9.58 10.14 -16.78
C GLN A 95 -9.46 11.18 -17.91
N PRO A 96 -10.61 11.56 -18.49
CA PRO A 96 -10.75 12.52 -19.60
C PRO A 96 -9.83 13.73 -19.55
N ASN A 97 -8.93 13.81 -20.52
CA ASN A 97 -8.00 14.93 -20.57
C ASN A 97 -8.78 16.24 -20.67
N THR A 98 -9.98 16.21 -21.24
CA THR A 98 -10.78 17.43 -21.34
C THR A 98 -11.03 17.99 -19.96
N SER A 99 -11.15 17.11 -18.97
CA SER A 99 -11.39 17.56 -17.61
C SER A 99 -10.09 17.82 -16.86
N MET A 100 -9.11 16.94 -17.04
CA MET A 100 -7.83 17.09 -16.35
C MET A 100 -7.08 18.35 -16.80
N SER A 101 -7.27 18.76 -18.06
CA SER A 101 -6.57 19.95 -18.56
C SER A 101 -7.20 21.24 -18.06
N ARG A 102 -8.35 21.15 -17.37
CA ARG A 102 -8.99 22.35 -16.84
C ARG A 102 -8.50 22.59 -15.41
N TYR A 103 -7.61 21.73 -14.94
CA TYR A 103 -7.03 21.81 -13.61
C TYR A 103 -6.30 23.12 -13.35
N ASP A 104 -6.46 23.66 -12.15
CA ASP A 104 -5.82 24.91 -11.79
C ASP A 104 -4.86 24.70 -10.61
N ALA A 105 -3.57 24.94 -10.87
CA ALA A 105 -2.54 24.74 -9.85
C ALA A 105 -2.56 25.70 -8.66
N ASN A 106 -3.27 26.83 -8.78
CA ASN A 106 -3.35 27.80 -7.68
C ASN A 106 -4.46 27.45 -6.69
N LYS A 107 -5.44 26.68 -7.15
CA LYS A 107 -6.59 26.23 -6.35
C LYS A 107 -6.76 24.76 -6.74
N PRO A 108 -5.83 23.89 -6.30
CA PRO A 108 -5.88 22.45 -6.62
C PRO A 108 -7.13 21.70 -6.18
N ALA A 109 -7.78 22.16 -5.12
CA ALA A 109 -8.97 21.47 -4.63
C ALA A 109 -9.70 22.28 -3.56
N THR A 110 -10.88 21.79 -3.17
CA THR A 110 -11.71 22.45 -2.17
C THR A 110 -11.57 21.72 -0.84
N TYR A 111 -11.27 22.49 0.21
CA TYR A 111 -11.09 21.89 1.54
C TYR A 111 -12.35 21.27 2.09
N ALA A 112 -12.18 20.15 2.80
CA ALA A 112 -13.29 19.45 3.42
C ALA A 112 -12.66 18.79 4.64
N PRO A 113 -13.27 18.95 5.82
CA PRO A 113 -12.74 18.36 7.04
C PRO A 113 -12.81 16.84 7.11
N GLU A 114 -12.07 16.28 8.05
CA GLU A 114 -12.03 14.85 8.31
C GLU A 114 -12.60 14.65 9.71
N PHE A 115 -13.36 13.58 9.91
CA PHE A 115 -13.96 13.32 11.21
C PHE A 115 -13.56 11.97 11.76
N GLN A 116 -13.53 11.86 13.08
CA GLN A 116 -13.15 10.64 13.78
C GLN A 116 -14.24 9.58 13.89
N ASP A 117 -15.38 9.83 13.27
CA ASP A 117 -16.48 8.87 13.30
C ASP A 117 -17.28 8.94 12.00
N PRO A 118 -17.53 7.78 11.39
CA PRO A 118 -18.28 7.65 10.14
C PRO A 118 -19.65 8.35 10.12
N SER A 119 -20.27 8.53 11.27
CA SER A 119 -21.59 9.17 11.28
C SER A 119 -21.56 10.67 11.08
N LYS A 120 -20.36 11.26 11.04
CA LYS A 120 -20.23 12.70 10.82
C LYS A 120 -20.21 13.01 9.33
N TYR A 121 -20.20 11.97 8.50
CA TYR A 121 -20.21 12.16 7.05
C TYR A 121 -21.63 12.17 6.54
N PRO A 122 -21.89 12.85 5.39
CA PRO A 122 -20.96 13.57 4.51
C PRO A 122 -20.28 14.81 5.09
N SER A 123 -19.04 15.00 4.68
CA SER A 123 -18.21 16.12 5.12
C SER A 123 -18.54 17.34 4.24
N PRO A 124 -18.69 18.52 4.86
CA PRO A 124 -19.01 19.70 4.03
C PRO A 124 -17.84 20.45 3.40
N LEU A 125 -17.93 20.69 2.10
CA LEU A 125 -16.91 21.43 1.39
C LEU A 125 -16.98 22.89 1.82
N ASP A 126 -15.82 23.51 1.97
CA ASP A 126 -15.76 24.90 2.40
C ASP A 126 -14.75 25.62 1.53
N THR A 127 -15.24 26.41 0.58
CA THR A 127 -14.38 27.16 -0.32
C THR A 127 -13.67 28.33 0.34
N SER A 128 -13.98 28.60 1.60
CA SER A 128 -13.33 29.71 2.28
C SER A 128 -12.04 29.27 2.95
N GLN A 129 -11.89 27.97 3.15
CA GLN A 129 -10.68 27.47 3.79
C GLN A 129 -9.54 27.47 2.77
N PRO A 130 -8.40 28.04 3.15
CA PRO A 130 -7.22 28.14 2.29
C PRO A 130 -6.69 26.83 1.72
N VAL A 131 -6.11 26.93 0.53
CA VAL A 131 -5.51 25.79 -0.15
C VAL A 131 -4.26 26.34 -0.83
N GLY A 132 -3.16 25.60 -0.73
CA GLY A 132 -1.89 26.04 -1.31
C GLY A 132 -1.70 25.78 -2.79
N ARG A 133 -0.51 26.13 -3.28
CA ARG A 133 -0.15 25.98 -4.70
C ARG A 133 0.48 24.62 -5.02
N ASP A 134 0.24 24.13 -6.24
CA ASP A 134 0.82 22.87 -6.70
C ASP A 134 2.05 23.22 -7.52
N PRO A 135 3.26 22.93 -7.01
CA PRO A 135 4.48 23.26 -7.74
C PRO A 135 4.95 22.29 -8.83
N ILE A 136 4.48 21.05 -8.80
CA ILE A 136 4.96 20.09 -9.78
C ILE A 136 4.09 19.85 -11.01
N ASN A 137 2.87 20.37 -11.02
CA ASN A 137 2.02 20.11 -12.19
C ASN A 137 2.61 20.60 -13.51
N SER A 138 3.09 21.84 -13.54
CA SER A 138 3.66 22.36 -14.77
C SER A 138 4.92 21.58 -15.15
N GLN A 139 5.58 20.96 -14.18
CA GLN A 139 6.77 20.17 -14.49
C GLN A 139 6.31 18.94 -15.26
N LEU A 140 5.21 18.35 -14.80
CA LEU A 140 4.67 17.13 -15.40
C LEU A 140 3.92 17.28 -16.72
N THR A 141 3.04 18.27 -16.81
CA THR A 141 2.31 18.43 -18.06
C THR A 141 3.31 18.72 -19.16
N SER A 142 4.33 19.51 -18.84
CA SER A 142 5.34 19.88 -19.83
C SER A 142 6.29 18.77 -20.29
N ALA A 143 6.59 17.83 -19.41
CA ALA A 143 7.51 16.75 -19.74
C ALA A 143 6.83 15.59 -20.46
N TYR A 144 5.54 15.41 -20.20
CA TYR A 144 4.78 14.32 -20.81
C TYR A 144 3.66 14.78 -21.76
N GLY A 145 3.47 16.09 -21.87
CA GLY A 145 2.47 16.62 -22.78
C GLY A 145 1.04 16.16 -22.58
N THR A 146 0.66 15.92 -21.34
CA THR A 146 -0.70 15.51 -21.00
C THR A 146 -0.98 15.97 -19.60
N SER A 147 -2.26 16.09 -19.26
CA SER A 147 -2.67 16.52 -17.94
C SER A 147 -3.12 15.32 -17.07
N MET A 148 -3.19 14.14 -17.68
CA MET A 148 -3.58 12.93 -16.96
C MET A 148 -2.44 12.47 -16.06
N LEU A 149 -2.75 11.78 -14.96
CA LEU A 149 -1.71 11.32 -14.04
C LEU A 149 -1.32 9.88 -14.31
N TYR A 150 -0.04 9.55 -14.15
CA TYR A 150 0.41 8.19 -14.41
C TYR A 150 0.86 7.48 -13.13
N GLY A 151 -0.12 6.98 -12.38
CA GLY A 151 0.13 6.24 -11.16
C GLY A 151 -0.96 5.20 -11.10
N MET A 152 -0.85 4.20 -10.23
CA MET A 152 -1.90 3.17 -10.16
C MET A 152 -3.03 3.45 -9.16
N HIS A 153 -4.27 3.16 -9.55
CA HIS A 153 -5.40 3.32 -8.64
C HIS A 153 -5.24 2.07 -7.76
N TRP A 154 -5.43 2.19 -6.45
CA TRP A 154 -5.18 1.09 -5.55
C TRP A 154 -6.03 -0.18 -5.48
N ILE A 155 -7.32 -0.10 -5.76
CA ILE A 155 -8.14 -1.29 -5.67
C ILE A 155 -9.00 -1.51 -6.93
N LEU A 156 -9.07 -2.75 -7.40
CA LEU A 156 -9.83 -3.06 -8.61
C LEU A 156 -10.75 -4.29 -8.45
N ASP A 157 -12.01 -4.14 -8.85
CA ASP A 157 -12.97 -5.24 -8.79
C ASP A 157 -12.74 -6.00 -10.11
N VAL A 158 -11.81 -6.95 -10.05
CA VAL A 158 -11.38 -7.76 -11.20
C VAL A 158 -12.42 -8.50 -12.04
N ASP A 159 -13.41 -9.10 -11.40
CA ASP A 159 -14.42 -9.83 -12.16
C ASP A 159 -15.80 -9.18 -12.13
N ASN A 160 -15.84 -7.90 -11.75
CA ASN A 160 -17.08 -7.13 -11.66
C ASN A 160 -18.07 -7.85 -10.74
N TRP A 161 -17.60 -8.18 -9.55
CA TRP A 161 -18.41 -8.87 -8.55
C TRP A 161 -19.45 -7.94 -7.97
N TYR A 162 -19.10 -6.66 -7.80
CA TYR A 162 -20.02 -5.67 -7.24
C TYR A 162 -21.04 -5.22 -8.27
N GLY A 163 -20.74 -5.41 -9.55
CA GLY A 163 -21.67 -5.06 -10.59
C GLY A 163 -21.61 -3.70 -11.24
N PHE A 164 -20.77 -2.81 -10.71
CA PHE A 164 -20.65 -1.46 -11.29
C PHE A 164 -20.16 -1.45 -12.73
N GLY A 165 -19.34 -2.43 -13.10
CA GLY A 165 -18.84 -2.49 -14.47
C GLY A 165 -17.84 -1.39 -14.78
N ALA A 166 -17.60 -1.16 -16.06
CA ALA A 166 -16.65 -0.13 -16.48
C ALA A 166 -17.38 1.13 -16.89
N ARG A 167 -17.01 2.25 -16.28
CA ARG A 167 -17.61 3.54 -16.57
C ARG A 167 -19.13 3.49 -16.66
N ALA A 168 -19.74 2.86 -15.65
CA ALA A 168 -21.18 2.73 -15.51
C ALA A 168 -21.94 1.75 -16.41
N ASP A 169 -21.27 0.89 -17.16
CA ASP A 169 -22.02 -0.03 -18.01
C ASP A 169 -22.57 -1.24 -17.27
N GLY A 170 -22.09 -1.45 -16.04
CA GLY A 170 -22.55 -2.57 -15.25
C GLY A 170 -22.14 -3.97 -15.66
N THR A 171 -21.71 -4.15 -16.90
CA THR A 171 -21.35 -5.48 -17.38
C THR A 171 -19.88 -5.79 -17.66
N SER A 172 -19.04 -4.75 -17.75
CA SER A 172 -17.62 -4.97 -18.05
C SER A 172 -16.74 -5.31 -16.86
N LYS A 173 -15.64 -6.00 -17.14
CA LYS A 173 -14.67 -6.37 -16.12
C LYS A 173 -13.31 -6.05 -16.76
N PRO A 174 -12.34 -5.54 -15.97
CA PRO A 174 -12.37 -5.22 -14.55
C PRO A 174 -13.10 -3.91 -14.26
N SER A 175 -13.53 -3.74 -13.01
CA SER A 175 -14.29 -2.56 -12.63
C SER A 175 -13.53 -1.72 -11.60
N TYR A 176 -13.36 -0.42 -11.90
CA TYR A 176 -12.68 0.50 -11.00
C TYR A 176 -13.61 0.88 -9.87
N ILE A 177 -13.22 0.54 -8.64
CA ILE A 177 -14.02 0.85 -7.47
C ILE A 177 -13.14 1.39 -6.35
N ASN A 178 -13.78 1.91 -5.30
CA ASN A 178 -13.07 2.38 -4.12
C ASN A 178 -13.91 2.08 -2.88
N THR A 179 -13.26 2.00 -1.73
CA THR A 179 -13.94 1.71 -0.49
C THR A 179 -13.80 2.81 0.56
N PHE A 180 -12.69 2.80 1.27
CA PHE A 180 -12.45 3.78 2.33
C PHE A 180 -12.69 5.23 1.91
N GLN A 181 -13.46 5.95 2.72
CA GLN A 181 -13.80 7.34 2.45
C GLN A 181 -14.08 8.14 3.73
N ARG A 182 -14.54 7.46 4.77
CA ARG A 182 -14.97 8.15 5.99
C ARG A 182 -14.17 8.16 7.29
N GLY A 183 -12.88 8.45 7.23
CA GLY A 183 -12.09 8.56 8.45
C GLY A 183 -11.43 7.37 9.11
N GLU A 184 -10.72 7.68 10.19
CA GLU A 184 -9.95 6.72 10.97
C GLU A 184 -10.75 5.59 11.60
N GLN A 185 -12.04 5.83 11.81
CA GLN A 185 -12.88 4.79 12.41
C GLN A 185 -13.63 3.95 11.40
N GLU A 186 -13.35 4.13 10.11
CA GLU A 186 -14.03 3.34 9.09
C GLU A 186 -13.16 2.16 8.63
N SER A 187 -13.46 0.98 9.15
CA SER A 187 -12.74 -0.26 8.83
C SER A 187 -13.21 -0.86 7.52
N THR A 188 -12.60 -1.98 7.13
CA THR A 188 -12.97 -2.68 5.91
C THR A 188 -14.45 -3.00 6.00
N TRP A 189 -14.90 -3.22 7.23
CA TRP A 189 -16.27 -3.58 7.53
C TRP A 189 -17.32 -2.47 7.51
N GLU A 190 -16.91 -1.21 7.64
CA GLU A 190 -17.87 -0.10 7.72
C GLU A 190 -18.01 0.78 6.48
N THR A 191 -17.47 0.32 5.36
CA THR A 191 -17.53 1.08 4.12
C THR A 191 -18.73 0.74 3.26
N ILE A 192 -18.89 1.51 2.20
CA ILE A 192 -19.96 1.31 1.24
C ILE A 192 -19.20 1.41 -0.07
N PRO A 193 -18.85 0.26 -0.67
CA PRO A 193 -18.11 0.21 -1.93
C PRO A 193 -18.80 1.07 -2.97
N GLN A 194 -18.02 1.85 -3.70
CA GLN A 194 -18.59 2.70 -4.73
C GLN A 194 -17.72 2.71 -5.98
N PRO A 195 -18.33 3.04 -7.13
CA PRO A 195 -17.62 3.10 -8.41
C PRO A 195 -16.75 4.35 -8.54
N CYS A 196 -15.61 4.21 -9.21
CA CYS A 196 -14.70 5.34 -9.44
C CYS A 196 -15.34 6.30 -10.43
N TRP A 197 -16.02 5.74 -11.42
CA TRP A 197 -16.71 6.52 -12.44
C TRP A 197 -18.17 6.57 -11.98
N ASP A 198 -18.59 7.71 -11.42
CA ASP A 198 -19.95 7.84 -10.91
C ASP A 198 -20.88 8.69 -11.76
N GLU A 199 -21.69 8.01 -12.58
CA GLU A 199 -22.65 8.70 -13.44
C GLU A 199 -24.05 8.71 -12.82
N HIS A 200 -24.16 8.37 -11.55
CA HIS A 200 -25.43 8.36 -10.85
C HIS A 200 -26.33 7.20 -11.27
N LYS A 201 -25.78 6.24 -12.02
CA LYS A 201 -26.58 5.11 -12.48
C LYS A 201 -26.81 4.05 -11.40
N PHE A 202 -26.02 4.09 -10.33
CA PHE A 202 -26.14 3.11 -9.25
C PHE A 202 -26.14 3.84 -7.92
N GLY A 203 -26.74 3.23 -6.90
CA GLY A 203 -26.78 3.84 -5.58
C GLY A 203 -27.98 4.76 -5.35
N GLY A 204 -27.69 5.97 -4.89
CA GLY A 204 -28.73 6.93 -4.62
C GLY A 204 -29.08 7.80 -5.80
N GLN A 205 -29.85 8.86 -5.56
CA GLN A 205 -30.28 9.77 -6.62
C GLN A 205 -29.07 10.45 -7.26
N TYR A 206 -27.95 10.44 -6.54
CA TYR A 206 -26.72 11.04 -7.02
C TYR A 206 -25.57 10.06 -6.85
N GLY A 207 -25.85 8.80 -7.14
CA GLY A 207 -24.82 7.79 -7.00
C GLY A 207 -24.46 7.63 -5.53
N PHE A 208 -23.16 7.63 -5.24
CA PHE A 208 -22.70 7.47 -3.87
C PHE A 208 -22.04 8.73 -3.34
N LEU A 209 -21.92 9.72 -4.20
CA LEU A 209 -21.25 10.99 -3.88
C LEU A 209 -21.67 11.73 -2.62
N ASP A 210 -22.98 11.93 -2.42
CA ASP A 210 -23.42 12.66 -1.24
C ASP A 210 -23.35 11.90 0.08
N LEU A 211 -22.79 10.69 0.03
CA LEU A 211 -22.61 9.90 1.23
C LEU A 211 -21.33 10.39 1.90
N PHE A 212 -20.41 10.90 1.08
CA PHE A 212 -19.09 11.34 1.54
C PHE A 212 -18.78 12.84 1.63
N THR A 213 -19.02 13.61 0.58
CA THR A 213 -18.80 15.04 0.69
C THR A 213 -20.09 15.77 0.32
N LYS A 214 -20.43 16.77 1.11
CA LYS A 214 -21.62 17.56 0.89
C LYS A 214 -21.26 18.90 0.27
N ASP A 215 -21.95 19.25 -0.81
CA ASP A 215 -21.68 20.51 -1.50
C ASP A 215 -22.87 21.45 -1.38
N THR A 216 -22.71 22.66 -1.90
CA THR A 216 -23.75 23.68 -1.86
C THR A 216 -24.95 23.39 -2.75
N GLY A 217 -24.72 22.69 -3.85
CA GLY A 217 -25.81 22.38 -4.75
C GLY A 217 -25.95 20.91 -5.09
N THR A 218 -26.32 20.63 -6.33
CA THR A 218 -26.50 19.27 -6.82
C THR A 218 -25.17 18.67 -7.25
N PRO A 219 -24.81 17.50 -6.69
CA PRO A 219 -23.56 16.82 -7.02
C PRO A 219 -23.45 16.58 -8.52
N ALA A 220 -22.26 16.73 -9.07
CA ALA A 220 -22.05 16.53 -10.50
C ALA A 220 -21.53 15.13 -10.78
N LYS A 221 -21.78 14.63 -11.98
CA LYS A 221 -21.27 13.31 -12.36
C LYS A 221 -19.75 13.45 -12.36
N GLN A 222 -19.05 12.49 -11.76
CA GLN A 222 -17.61 12.60 -11.66
C GLN A 222 -16.86 11.29 -11.43
N PHE A 223 -15.55 11.38 -11.62
CA PHE A 223 -14.67 10.25 -11.44
C PHE A 223 -13.60 10.67 -10.44
N LYS A 224 -13.05 9.69 -9.73
CA LYS A 224 -12.01 9.96 -8.74
C LYS A 224 -11.22 8.68 -8.58
N TYR A 225 -9.90 8.84 -8.47
CA TYR A 225 -9.00 7.70 -8.27
C TYR A 225 -8.06 8.02 -7.10
N THR A 226 -7.67 6.98 -6.38
CA THR A 226 -6.80 7.14 -5.23
C THR A 226 -5.59 6.24 -5.38
N ASN A 227 -4.42 6.81 -5.15
CA ASN A 227 -3.16 6.08 -5.28
C ASN A 227 -2.66 5.53 -3.93
N ALA A 228 -1.92 4.43 -4.00
CA ALA A 228 -1.34 3.78 -2.83
C ALA A 228 0.15 3.89 -3.10
N PRO A 229 0.77 4.97 -2.61
CA PRO A 229 2.20 5.27 -2.76
C PRO A 229 3.18 4.12 -2.54
N ASP A 230 2.96 3.35 -1.49
CA ASP A 230 3.87 2.26 -1.19
C ASP A 230 3.95 1.20 -2.32
N ALA A 231 2.87 1.01 -3.07
CA ALA A 231 2.86 0.03 -4.16
C ALA A 231 3.60 0.57 -5.40
N ASP A 232 3.42 1.84 -5.71
CA ASP A 232 4.09 2.46 -6.84
C ASP A 232 5.59 2.48 -6.60
N ALA A 233 5.98 2.75 -5.36
CA ALA A 233 7.40 2.77 -5.02
C ALA A 233 7.95 1.35 -5.18
N ARG A 234 7.18 0.36 -4.73
CA ARG A 234 7.61 -1.03 -4.84
C ARG A 234 7.74 -1.46 -6.30
N ALA A 235 6.93 -0.85 -7.18
CA ALA A 235 6.97 -1.17 -8.59
C ALA A 235 8.29 -0.68 -9.16
N VAL A 236 8.71 0.51 -8.70
CA VAL A 236 9.95 1.09 -9.15
C VAL A 236 11.09 0.23 -8.65
N GLN A 237 11.00 -0.16 -7.38
CA GLN A 237 12.02 -0.98 -6.77
C GLN A 237 12.23 -2.28 -7.53
N ALA A 238 11.13 -2.93 -7.91
CA ALA A 238 11.23 -4.19 -8.61
C ALA A 238 11.69 -4.03 -10.05
N THR A 239 11.35 -2.90 -10.66
CA THR A 239 11.74 -2.68 -12.03
C THR A 239 13.25 -2.45 -12.12
N TYR A 240 13.81 -1.89 -11.06
CA TYR A 240 15.25 -1.62 -10.98
C TYR A 240 16.08 -2.92 -10.98
N TRP A 241 15.65 -3.91 -10.20
CA TRP A 241 16.38 -5.17 -10.14
C TRP A 241 16.22 -5.92 -11.46
N ALA A 242 15.05 -5.80 -12.07
CA ALA A 242 14.78 -6.45 -13.35
C ALA A 242 15.77 -5.87 -14.37
N ASP A 243 16.00 -4.57 -14.30
CA ASP A 243 16.93 -3.89 -15.18
C ASP A 243 18.35 -4.43 -14.93
N GLN A 244 18.70 -4.56 -13.66
CA GLN A 244 20.02 -5.05 -13.24
C GLN A 244 20.30 -6.46 -13.74
N TRP A 245 19.35 -7.36 -13.50
CA TRP A 245 19.52 -8.74 -13.90
C TRP A 245 19.48 -8.94 -15.42
N ALA A 246 18.69 -8.13 -16.12
CA ALA A 246 18.60 -8.23 -17.57
C ALA A 246 19.95 -7.87 -18.21
N LYS A 247 20.50 -6.74 -17.80
CA LYS A 247 21.79 -6.29 -18.32
C LYS A 247 22.88 -7.33 -18.08
N GLU A 248 22.88 -7.94 -16.89
CA GLU A 248 23.87 -8.96 -16.56
C GLU A 248 23.79 -10.13 -17.54
N GLN A 249 22.70 -10.21 -18.28
CA GLN A 249 22.50 -11.31 -19.23
C GLN A 249 22.30 -10.83 -20.67
N GLY A 250 22.82 -9.65 -20.97
CA GLY A 250 22.68 -9.12 -22.31
C GLY A 250 21.26 -8.96 -22.83
N LYS A 251 20.29 -8.82 -21.92
CA LYS A 251 18.90 -8.61 -22.31
C LYS A 251 18.46 -7.27 -21.75
N SER A 252 17.35 -6.73 -22.25
CA SER A 252 16.89 -5.44 -21.74
C SER A 252 15.37 -5.37 -21.57
N VAL A 253 14.95 -4.58 -20.59
CA VAL A 253 13.54 -4.35 -20.31
C VAL A 253 13.38 -2.85 -20.38
N SER A 254 14.13 -2.27 -21.30
CA SER A 254 14.17 -0.84 -21.56
C SER A 254 12.81 -0.17 -21.47
N THR A 255 11.82 -0.75 -22.14
CA THR A 255 10.47 -0.22 -22.14
C THR A 255 9.77 -0.21 -20.77
N SER A 256 9.99 -1.25 -19.97
CA SER A 256 9.37 -1.27 -18.65
C SER A 256 10.01 -0.21 -17.76
N VAL A 257 11.30 0.04 -17.98
CA VAL A 257 12.02 1.04 -17.19
C VAL A 257 11.45 2.43 -17.44
N GLY A 258 11.00 2.68 -18.65
CA GLY A 258 10.44 3.98 -18.96
C GLY A 258 9.13 4.21 -18.23
N LYS A 259 8.32 3.17 -18.15
CA LYS A 259 7.03 3.27 -17.46
C LYS A 259 7.28 3.52 -15.99
N ALA A 260 8.18 2.74 -15.39
CA ALA A 260 8.51 2.87 -13.98
C ALA A 260 9.02 4.26 -13.62
N THR A 261 9.82 4.84 -14.51
CA THR A 261 10.37 6.17 -14.28
C THR A 261 9.29 7.25 -14.31
N LYS A 262 8.37 7.13 -15.25
CA LYS A 262 7.30 8.10 -15.34
C LYS A 262 6.44 7.95 -14.09
N MET A 263 6.24 6.71 -13.65
CA MET A 263 5.43 6.47 -12.46
C MET A 263 6.05 7.13 -11.23
N GLY A 264 7.37 7.03 -11.10
CA GLY A 264 8.05 7.64 -9.98
C GLY A 264 7.97 9.17 -10.02
N ASP A 265 7.83 9.71 -11.22
CA ASP A 265 7.75 11.15 -11.41
C ASP A 265 6.43 11.64 -10.81
N TYR A 266 5.34 10.96 -11.18
CA TYR A 266 4.01 11.31 -10.69
C TYR A 266 3.84 10.96 -9.22
N LEU A 267 4.63 9.99 -8.75
CA LEU A 267 4.57 9.53 -7.37
C LEU A 267 4.90 10.65 -6.39
N ARG A 268 5.56 11.70 -6.89
CA ARG A 268 5.93 12.85 -6.07
C ARG A 268 4.74 13.60 -5.47
N TYR A 269 3.53 13.36 -5.98
CA TYR A 269 2.37 14.03 -5.43
C TYR A 269 2.14 13.61 -3.98
N SER A 270 2.65 12.43 -3.61
CA SER A 270 2.50 11.96 -2.23
C SER A 270 3.37 12.76 -1.27
N PHE A 271 4.32 13.53 -1.80
CA PHE A 271 5.21 14.35 -0.98
C PHE A 271 4.50 15.57 -0.39
N PHE A 272 3.32 15.91 -0.92
CA PHE A 272 2.61 17.09 -0.45
C PHE A 272 1.46 16.91 0.51
N ASP A 273 1.22 17.96 1.29
CA ASP A 273 0.12 18.02 2.26
C ASP A 273 -1.17 17.90 1.46
N LYS A 274 -2.19 17.30 2.05
CA LYS A 274 -3.48 17.10 1.38
C LYS A 274 -3.97 18.34 0.62
N TYR A 275 -4.03 19.47 1.29
CA TYR A 275 -4.52 20.69 0.66
C TYR A 275 -3.38 21.70 0.50
N PHE A 276 -2.17 21.16 0.36
CA PHE A 276 -0.95 21.93 0.18
C PHE A 276 -0.68 23.01 1.22
N ARG A 277 -0.92 22.69 2.49
CA ARG A 277 -0.67 23.65 3.57
C ARG A 277 0.81 23.55 3.91
N LYS A 278 1.39 24.62 4.44
CA LYS A 278 2.81 24.60 4.79
C LYS A 278 3.07 23.52 5.84
N ILE A 279 4.19 22.81 5.71
CA ILE A 279 4.54 21.77 6.65
C ILE A 279 5.04 22.46 7.91
N GLY A 280 4.41 22.13 9.04
CA GLY A 280 4.82 22.70 10.31
C GLY A 280 4.06 23.97 10.69
N GLN A 281 3.19 24.42 9.78
CA GLN A 281 2.37 25.62 10.01
C GLN A 281 1.10 25.47 9.18
N PRO A 282 0.28 24.45 9.50
CA PRO A 282 -0.98 24.11 8.84
C PRO A 282 -2.04 25.17 8.53
N SER A 283 -2.06 26.28 9.25
CA SER A 283 -3.08 27.30 8.98
C SER A 283 -2.76 28.19 7.77
N GLN A 284 -1.48 28.27 7.41
CA GLN A 284 -1.06 29.07 6.27
C GLN A 284 -1.08 28.25 4.99
N ALA A 285 -1.59 28.84 3.92
CA ALA A 285 -1.64 28.17 2.61
C ALA A 285 -0.22 28.15 2.05
N GLY A 286 0.11 27.06 1.36
CA GLY A 286 1.45 26.90 0.81
C GLY A 286 1.78 27.71 -0.42
N THR A 287 3.06 28.02 -0.58
CA THR A 287 3.52 28.80 -1.73
C THR A 287 4.25 27.92 -2.74
N GLY A 288 4.35 26.64 -2.45
CA GLY A 288 5.01 25.73 -3.36
C GLY A 288 5.58 24.51 -2.64
N TYR A 289 6.91 24.38 -2.67
CA TYR A 289 7.56 23.27 -2.03
C TYR A 289 7.59 23.36 -0.51
N ASP A 290 7.10 24.46 0.04
CA ASP A 290 7.08 24.58 1.49
C ASP A 290 5.91 23.77 2.07
N ALA A 291 5.15 23.14 1.18
CA ALA A 291 4.02 22.29 1.55
C ALA A 291 4.41 20.83 1.28
N ALA A 292 5.70 20.60 1.06
CA ALA A 292 6.18 19.25 0.79
C ALA A 292 6.90 18.68 2.00
N HIS A 293 6.42 17.53 2.48
CA HIS A 293 7.07 16.90 3.62
C HIS A 293 8.10 15.92 3.09
N TYR A 294 8.06 15.65 1.79
CA TYR A 294 8.99 14.75 1.12
C TYR A 294 8.94 13.30 1.56
N LEU A 295 7.83 12.91 2.16
CA LEU A 295 7.66 11.52 2.58
C LEU A 295 6.60 10.89 1.68
N LEU A 296 6.52 9.56 1.71
CA LEU A 296 5.52 8.85 0.93
C LEU A 296 4.27 8.77 1.83
N SER A 297 3.39 9.76 1.70
CA SER A 297 2.17 9.80 2.50
C SER A 297 1.20 8.67 2.20
N TRP A 298 0.05 8.68 2.85
CA TRP A 298 -0.93 7.62 2.67
C TRP A 298 -1.54 7.56 1.26
N TYR A 299 -1.52 8.67 0.53
CA TYR A 299 -2.08 8.68 -0.81
C TYR A 299 -2.01 10.06 -1.45
N TYR A 300 -2.44 10.10 -2.71
CA TYR A 300 -2.59 11.30 -3.48
C TYR A 300 -3.76 10.85 -4.33
N ALA A 301 -4.68 11.77 -4.63
CA ALA A 301 -5.85 11.39 -5.39
C ALA A 301 -6.28 12.50 -6.34
N TRP A 302 -7.03 12.12 -7.36
CA TRP A 302 -7.48 13.09 -8.33
C TRP A 302 -8.84 12.71 -8.90
N GLY A 303 -9.54 13.69 -9.42
CA GLY A 303 -10.85 13.43 -9.98
C GLY A 303 -11.26 14.58 -10.87
N GLY A 304 -12.37 14.43 -11.57
CA GLY A 304 -12.83 15.49 -12.44
C GLY A 304 -14.28 15.26 -12.80
N GLY A 305 -14.83 16.13 -13.63
CA GLY A 305 -16.22 15.98 -14.02
C GLY A 305 -16.38 15.07 -15.22
N ILE A 306 -17.55 14.48 -15.34
CA ILE A 306 -17.85 13.58 -16.45
C ILE A 306 -18.64 14.34 -17.51
N ASP A 307 -19.63 15.12 -17.07
CA ASP A 307 -20.42 15.88 -18.03
C ASP A 307 -20.26 17.39 -17.80
N SER A 308 -19.02 17.78 -17.56
CA SER A 308 -18.61 19.17 -17.34
C SER A 308 -17.12 19.09 -17.04
N THR A 309 -16.33 20.06 -17.51
CA THR A 309 -14.88 20.02 -17.33
C THR A 309 -14.26 20.79 -16.18
N TRP A 310 -13.63 20.03 -15.29
CA TRP A 310 -12.94 20.57 -14.11
C TRP A 310 -12.19 19.39 -13.51
N SER A 311 -11.29 19.64 -12.57
CA SER A 311 -10.55 18.57 -11.92
C SER A 311 -9.85 19.02 -10.66
N TRP A 312 -9.35 18.05 -9.89
CA TRP A 312 -8.66 18.33 -8.64
C TRP A 312 -7.61 17.27 -8.34
N ILE A 313 -6.66 17.62 -7.48
CA ILE A 313 -5.60 16.69 -7.07
C ILE A 313 -5.25 16.99 -5.61
N ILE A 314 -5.06 15.95 -4.81
CA ILE A 314 -4.69 16.17 -3.41
C ILE A 314 -3.55 15.26 -2.99
N GLY A 315 -2.78 15.72 -2.01
CA GLY A 315 -1.70 14.93 -1.48
C GLY A 315 -2.27 14.29 -0.22
N SER A 316 -1.43 14.09 0.79
CA SER A 316 -1.89 13.52 2.06
C SER A 316 -1.01 14.07 3.16
N SER A 317 -1.63 14.45 4.27
CA SER A 317 -0.93 15.00 5.41
C SER A 317 -0.45 13.91 6.34
N HIS A 318 -1.06 12.74 6.25
CA HIS A 318 -0.72 11.62 7.12
C HIS A 318 0.43 10.78 6.58
N ASN A 319 1.41 10.53 7.44
CA ASN A 319 2.60 9.76 7.06
C ASN A 319 2.88 8.56 7.97
N HIS A 320 2.94 7.36 7.37
CA HIS A 320 3.23 6.12 8.10
C HIS A 320 4.61 5.67 7.66
N PHE A 321 5.41 5.15 8.59
CA PHE A 321 6.76 4.72 8.25
C PHE A 321 6.76 3.50 7.31
N GLY A 322 5.73 2.66 7.44
CA GLY A 322 5.64 1.46 6.61
C GLY A 322 5.49 1.67 5.12
N TYR A 323 5.20 2.91 4.70
CA TYR A 323 4.99 3.23 3.29
C TYR A 323 6.28 3.70 2.61
N GLN A 324 7.21 4.20 3.42
CA GLN A 324 8.47 4.70 2.90
C GLN A 324 9.27 3.65 2.16
N ASN A 325 10.07 4.11 1.19
CA ASN A 325 10.90 3.23 0.38
C ASN A 325 12.19 3.97 0.01
N PRO A 326 13.19 3.95 0.91
CA PRO A 326 14.48 4.61 0.72
C PRO A 326 15.23 4.14 -0.53
N PHE A 327 14.99 2.89 -0.91
CA PHE A 327 15.64 2.31 -2.07
C PHE A 327 15.12 2.93 -3.37
N ALA A 328 13.80 3.00 -3.50
CA ALA A 328 13.21 3.58 -4.70
C ALA A 328 13.69 5.01 -4.86
N ALA A 329 13.86 5.72 -3.74
CA ALA A 329 14.32 7.10 -3.77
C ALA A 329 15.79 7.18 -4.19
N TRP A 330 16.57 6.18 -3.81
CA TRP A 330 17.97 6.14 -4.18
C TRP A 330 18.06 5.89 -5.68
N VAL A 331 17.24 4.96 -6.16
CA VAL A 331 17.18 4.62 -7.57
C VAL A 331 16.85 5.81 -8.47
N LEU A 332 15.69 6.40 -8.24
CA LEU A 332 15.23 7.53 -9.02
C LEU A 332 16.07 8.81 -8.92
N SER A 333 16.92 8.90 -7.91
CA SER A 333 17.72 10.10 -7.78
C SER A 333 19.19 9.93 -8.16
N THR A 334 19.67 8.70 -8.25
CA THR A 334 21.07 8.51 -8.58
C THR A 334 21.37 7.67 -9.82
N ASP A 335 20.36 6.92 -10.29
CA ASP A 335 20.55 6.07 -11.44
C ASP A 335 20.11 6.75 -12.75
N ALA A 336 21.07 6.99 -13.63
CA ALA A 336 20.79 7.63 -14.91
C ALA A 336 19.67 6.96 -15.69
N ASN A 337 19.57 5.63 -15.58
CA ASN A 337 18.53 4.90 -16.31
C ASN A 337 17.13 5.21 -15.81
N PHE A 338 17.03 5.61 -14.55
CA PHE A 338 15.72 5.92 -13.96
C PHE A 338 15.51 7.40 -13.67
N LYS A 339 16.35 8.25 -14.26
CA LYS A 339 16.26 9.69 -14.06
C LYS A 339 14.95 10.19 -14.67
N PRO A 340 14.06 10.74 -13.84
CA PRO A 340 12.79 11.24 -14.34
C PRO A 340 12.96 12.39 -15.34
N LYS A 341 12.04 12.48 -16.28
CA LYS A 341 12.08 13.53 -17.29
C LYS A 341 11.79 14.94 -16.74
N SER A 342 10.89 15.03 -15.77
CA SER A 342 10.54 16.33 -15.21
C SER A 342 11.80 17.04 -14.72
N SER A 343 11.75 18.37 -14.72
CA SER A 343 12.89 19.16 -14.30
C SER A 343 13.38 18.84 -12.90
N ASN A 344 12.48 18.74 -11.93
CA ASN A 344 12.90 18.48 -10.55
C ASN A 344 12.77 17.05 -10.04
N GLY A 345 12.33 16.13 -10.89
CA GLY A 345 12.14 14.76 -10.48
C GLY A 345 13.23 14.11 -9.63
N ALA A 346 14.42 14.01 -10.21
CA ALA A 346 15.56 13.38 -9.55
C ALA A 346 16.00 14.02 -8.23
N SER A 347 16.08 15.34 -8.21
CA SER A 347 16.52 16.04 -7.00
C SER A 347 15.47 16.05 -5.90
N ASP A 348 14.20 15.99 -6.27
CA ASP A 348 13.12 15.96 -5.30
C ASP A 348 13.23 14.62 -4.58
N TRP A 349 13.57 13.59 -5.35
CA TRP A 349 13.70 12.26 -4.79
C TRP A 349 14.96 12.13 -3.95
N ALA A 350 15.92 13.04 -4.17
CA ALA A 350 17.16 13.04 -3.41
C ALA A 350 16.79 13.60 -2.04
N LYS A 351 15.95 14.62 -2.04
CA LYS A 351 15.49 15.25 -0.81
C LYS A 351 14.63 14.26 -0.02
N SER A 352 13.85 13.46 -0.73
CA SER A 352 12.99 12.48 -0.08
C SER A 352 13.86 11.42 0.60
N LEU A 353 14.94 11.03 -0.06
CA LEU A 353 15.85 10.03 0.48
C LEU A 353 16.39 10.46 1.85
N ASP A 354 16.90 11.68 1.96
CA ASP A 354 17.44 12.15 3.23
C ASP A 354 16.34 12.27 4.28
N ARG A 355 15.19 12.82 3.87
CA ARG A 355 14.07 12.99 4.78
C ARG A 355 13.50 11.66 5.28
N GLN A 356 13.38 10.68 4.38
CA GLN A 356 12.84 9.38 4.77
C GLN A 356 13.68 8.70 5.86
N LEU A 357 15.00 8.70 5.68
CA LEU A 357 15.87 8.07 6.67
C LEU A 357 15.88 8.80 8.01
N GLU A 358 15.46 10.07 8.02
CA GLU A 358 15.42 10.83 9.26
C GLU A 358 14.15 10.39 9.98
N PHE A 359 13.10 10.21 9.20
CA PHE A 359 11.80 9.79 9.71
C PHE A 359 11.94 8.42 10.41
N TYR A 360 12.59 7.47 9.76
CA TYR A 360 12.79 6.12 10.33
C TYR A 360 13.51 6.22 11.67
N GLN A 361 14.63 6.91 11.67
CA GLN A 361 15.42 7.05 12.89
C GLN A 361 14.65 7.80 13.96
N TRP A 362 13.84 8.77 13.57
CA TRP A 362 13.04 9.53 14.54
C TRP A 362 12.07 8.63 15.29
N LEU A 363 11.55 7.63 14.59
CA LEU A 363 10.57 6.72 15.16
C LEU A 363 11.11 5.42 15.77
N GLN A 364 12.43 5.22 15.76
CA GLN A 364 12.95 3.98 16.32
C GLN A 364 12.84 4.00 17.84
N SER A 365 12.19 2.99 18.39
CA SER A 365 11.98 2.89 19.83
C SER A 365 13.19 2.37 20.60
N ALA A 366 13.07 2.40 21.93
CA ALA A 366 14.12 1.94 22.82
C ALA A 366 14.55 0.53 22.43
N GLU A 367 13.59 -0.35 22.16
CA GLU A 367 13.90 -1.72 21.79
C GLU A 367 14.46 -1.87 20.38
N GLY A 368 13.93 -1.12 19.42
CA GLY A 368 14.44 -1.23 18.06
C GLY A 368 13.40 -1.12 16.96
N ALA A 369 12.15 -1.42 17.29
CA ALA A 369 11.05 -1.37 16.34
C ALA A 369 10.74 0.07 15.92
N ILE A 370 10.08 0.24 14.79
CA ILE A 370 9.75 1.57 14.30
C ILE A 370 8.30 1.97 14.59
N ALA A 371 8.14 3.16 15.17
CA ALA A 371 6.83 3.70 15.53
C ALA A 371 6.05 4.19 14.31
N GLY A 372 4.76 4.44 14.52
CA GLY A 372 3.86 4.88 13.46
C GLY A 372 4.29 5.90 12.43
N GLY A 373 4.12 7.18 12.77
CA GLY A 373 4.51 8.23 11.87
C GLY A 373 4.11 9.60 12.41
N ALA A 374 3.76 10.51 11.51
CA ALA A 374 3.37 11.86 11.90
C ALA A 374 2.38 12.46 10.92
N THR A 375 1.73 13.55 11.31
CA THR A 375 0.75 14.20 10.45
C THR A 375 0.89 15.71 10.50
N ASN A 376 0.48 16.37 9.43
CA ASN A 376 0.54 17.82 9.37
C ASN A 376 -0.88 18.33 9.53
N SER A 377 -1.84 17.42 9.74
CA SER A 377 -3.21 17.81 9.91
C SER A 377 -3.84 17.09 11.11
N TRP A 378 -3.63 17.62 12.31
CA TRP A 378 -4.14 17.02 13.53
C TRP A 378 -5.66 16.83 13.50
N ASN A 379 -6.08 15.58 13.68
CA ASN A 379 -7.49 15.20 13.63
C ASN A 379 -8.06 15.42 12.25
N GLY A 380 -7.18 15.59 11.27
CA GLY A 380 -7.59 15.78 9.90
C GLY A 380 -8.27 17.09 9.58
N ARG A 381 -8.20 18.06 10.50
CA ARG A 381 -8.82 19.36 10.29
C ARG A 381 -7.82 20.49 10.59
N TYR A 382 -6.54 20.20 10.43
CA TYR A 382 -5.50 21.18 10.68
C TYR A 382 -5.69 21.85 12.03
N GLU A 383 -6.02 21.06 13.04
CA GLU A 383 -6.24 21.57 14.38
C GLU A 383 -4.95 21.75 15.16
N ALA A 384 -5.07 22.32 16.35
CA ALA A 384 -3.92 22.57 17.21
C ALA A 384 -3.32 21.30 17.77
N VAL A 385 -1.99 21.20 17.72
CA VAL A 385 -1.29 20.05 18.25
C VAL A 385 -1.24 20.15 19.76
N PRO A 386 -1.84 19.17 20.47
CA PRO A 386 -1.83 19.20 21.93
C PRO A 386 -0.42 19.50 22.44
N SER A 387 -0.32 20.25 23.53
CA SER A 387 1.00 20.55 24.09
C SER A 387 1.61 19.27 24.61
N GLY A 388 2.92 19.15 24.48
CA GLY A 388 3.59 17.95 24.95
C GLY A 388 3.85 16.95 23.84
N THR A 389 3.08 17.05 22.76
CA THR A 389 3.24 16.15 21.62
C THR A 389 4.54 16.38 20.85
N SER A 390 5.29 15.31 20.64
CA SER A 390 6.56 15.36 19.91
C SER A 390 6.30 15.68 18.45
N THR A 391 7.30 16.20 17.77
CA THR A 391 7.13 16.55 16.38
C THR A 391 8.35 16.31 15.50
N PHE A 392 8.09 16.19 14.20
CA PHE A 392 9.09 15.96 13.15
C PHE A 392 8.82 17.04 12.10
N TYR A 393 9.63 18.09 12.12
CA TYR A 393 9.48 19.22 11.20
C TYR A 393 8.12 19.91 11.32
N GLY A 394 7.63 20.02 12.55
CA GLY A 394 6.37 20.68 12.76
C GLY A 394 5.20 19.73 12.77
N MET A 395 5.37 18.53 12.22
CA MET A 395 4.30 17.55 12.20
C MET A 395 4.22 16.80 13.52
N GLY A 396 3.00 16.53 13.97
CA GLY A 396 2.81 15.84 15.23
C GLY A 396 2.91 14.33 15.11
N TYR A 397 3.45 13.71 16.15
CA TYR A 397 3.60 12.27 16.21
C TYR A 397 2.26 11.58 16.41
N VAL A 398 1.95 10.60 15.56
CA VAL A 398 0.71 9.83 15.67
C VAL A 398 1.09 8.37 15.78
N GLU A 399 0.55 7.73 16.81
CA GLU A 399 0.83 6.32 17.07
C GLU A 399 0.33 5.38 15.98
N ASN A 400 -0.88 5.61 15.49
CA ASN A 400 -1.47 4.80 14.43
C ASN A 400 -2.08 5.72 13.39
N PRO A 401 -1.30 6.09 12.37
CA PRO A 401 -1.73 6.97 11.29
C PRO A 401 -2.93 6.48 10.48
N VAL A 402 -3.80 7.42 10.13
CA VAL A 402 -4.97 7.17 9.30
C VAL A 402 -6.04 6.21 9.81
N TYR A 403 -5.66 5.05 10.36
CA TYR A 403 -6.67 4.11 10.85
C TYR A 403 -6.51 3.72 12.31
N ALA A 404 -7.64 3.54 12.98
CA ALA A 404 -7.66 3.18 14.39
C ALA A 404 -8.43 1.88 14.63
N ASP A 405 -9.06 1.37 13.59
CA ASP A 405 -9.87 0.16 13.70
C ASP A 405 -9.55 -0.90 12.63
N PRO A 406 -8.46 -1.64 12.80
CA PRO A 406 -7.51 -1.58 13.91
C PRO A 406 -6.38 -0.59 13.59
N GLY A 407 -5.61 -0.21 14.60
CA GLY A 407 -4.52 0.73 14.37
C GLY A 407 -3.62 0.28 13.24
N SER A 408 -3.29 1.20 12.33
CA SER A 408 -2.45 0.89 11.18
C SER A 408 -1.06 0.36 11.56
N ASN A 409 -0.56 0.71 12.74
CA ASN A 409 0.75 0.21 13.13
C ASN A 409 0.74 -0.82 14.27
N THR A 410 -0.27 -1.68 14.27
CA THR A 410 -0.40 -2.75 15.26
C THR A 410 -0.09 -4.10 14.59
N TRP A 411 0.08 -4.08 13.27
CA TRP A 411 0.40 -5.27 12.49
C TRP A 411 1.92 -5.32 12.27
N PHE A 412 2.54 -6.40 12.74
CA PHE A 412 3.98 -6.57 12.62
C PHE A 412 4.47 -6.34 11.19
N GLY A 413 3.62 -6.71 10.23
CA GLY A 413 3.95 -6.58 8.83
C GLY A 413 4.65 -5.30 8.41
N MET A 414 4.16 -4.16 8.87
CA MET A 414 4.77 -2.89 8.50
C MET A 414 6.25 -2.90 8.83
N GLN A 415 6.62 -3.61 9.91
CA GLN A 415 8.02 -3.66 10.30
C GLN A 415 8.92 -4.22 9.20
N VAL A 416 8.61 -5.44 8.73
CA VAL A 416 9.42 -6.09 7.71
C VAL A 416 9.36 -5.48 6.31
N TRP A 417 8.16 -5.12 5.86
CA TRP A 417 8.01 -4.52 4.54
C TRP A 417 8.83 -3.24 4.35
N SER A 418 8.79 -2.37 5.34
CA SER A 418 9.51 -1.12 5.25
C SER A 418 11.01 -1.31 5.40
N MET A 419 11.41 -2.03 6.45
CA MET A 419 12.83 -2.27 6.72
C MET A 419 13.55 -3.14 5.68
N GLN A 420 12.79 -3.86 4.86
CA GLN A 420 13.40 -4.69 3.84
C GLN A 420 13.98 -3.76 2.77
N ARG A 421 13.37 -2.59 2.63
CA ARG A 421 13.82 -1.59 1.66
C ARG A 421 15.09 -0.94 2.19
N VAL A 422 15.15 -0.79 3.51
CA VAL A 422 16.32 -0.20 4.17
C VAL A 422 17.49 -1.19 4.10
N ALA A 423 17.18 -2.47 4.02
CA ALA A 423 18.20 -3.50 3.92
C ALA A 423 18.75 -3.55 2.49
N GLU A 424 17.88 -3.35 1.49
CA GLU A 424 18.33 -3.33 0.10
C GLU A 424 19.22 -2.12 -0.15
N LEU A 425 18.92 -1.03 0.54
CA LEU A 425 19.70 0.21 0.40
C LEU A 425 21.09 0.03 1.01
N TYR A 426 21.12 -0.53 2.23
CA TYR A 426 22.37 -0.77 2.93
C TYR A 426 23.24 -1.75 2.16
N TYR A 427 22.62 -2.74 1.55
CA TYR A 427 23.36 -3.74 0.80
C TYR A 427 24.04 -3.12 -0.41
N LYS A 428 23.33 -2.28 -1.15
CA LYS A 428 23.88 -1.64 -2.35
C LYS A 428 24.76 -0.43 -2.13
N THR A 429 24.59 0.29 -1.03
CA THR A 429 25.37 1.49 -0.81
C THR A 429 26.14 1.50 0.50
N GLY A 430 25.84 0.57 1.38
CA GLY A 430 26.52 0.55 2.67
C GLY A 430 26.29 1.85 3.42
N ASP A 431 25.20 2.54 3.12
CA ASP A 431 24.89 3.82 3.77
C ASP A 431 24.91 3.70 5.29
N ALA A 432 25.53 4.67 5.94
CA ALA A 432 25.68 4.69 7.40
C ALA A 432 24.40 4.82 8.19
N ARG A 433 23.45 5.61 7.68
CA ARG A 433 22.18 5.82 8.37
C ARG A 433 21.36 4.53 8.40
N ALA A 434 21.46 3.76 7.32
CA ALA A 434 20.74 2.50 7.19
C ALA A 434 21.35 1.47 8.13
N LYS A 435 22.68 1.45 8.22
CA LYS A 435 23.36 0.50 9.09
C LYS A 435 22.89 0.67 10.55
N LYS A 436 22.92 1.91 11.03
CA LYS A 436 22.50 2.19 12.39
C LYS A 436 21.06 1.75 12.67
N LEU A 437 20.15 2.00 11.72
CA LEU A 437 18.76 1.60 11.92
C LEU A 437 18.65 0.08 11.96
N LEU A 438 19.33 -0.57 11.03
CA LEU A 438 19.30 -2.03 10.94
C LEU A 438 19.99 -2.80 12.05
N ASP A 439 21.11 -2.31 12.56
CA ASP A 439 21.80 -3.03 13.61
C ASP A 439 20.91 -3.17 14.85
N LYS A 440 20.18 -2.10 15.18
CA LYS A 440 19.31 -2.12 16.35
C LYS A 440 17.99 -2.86 16.12
N TRP A 441 17.38 -2.66 14.95
CA TRP A 441 16.12 -3.31 14.61
C TRP A 441 16.31 -4.81 14.46
N ALA A 442 17.40 -5.19 13.80
CA ALA A 442 17.71 -6.57 13.58
C ALA A 442 17.93 -7.30 14.90
N LYS A 443 18.53 -6.61 15.87
CA LYS A 443 18.79 -7.24 17.15
C LYS A 443 17.48 -7.47 17.89
N TRP A 444 16.54 -6.54 17.73
CA TRP A 444 15.25 -6.68 18.38
C TRP A 444 14.50 -7.90 17.84
N ILE A 445 14.27 -7.93 16.53
CA ILE A 445 13.52 -9.03 15.94
C ILE A 445 14.16 -10.41 16.08
N ASN A 446 15.49 -10.48 16.14
CA ASN A 446 16.13 -11.77 16.29
C ASN A 446 15.88 -12.44 17.65
N GLY A 447 15.57 -11.63 18.66
CA GLY A 447 15.29 -12.21 19.96
C GLY A 447 13.81 -12.56 20.09
N GLU A 448 13.03 -12.19 19.07
CA GLU A 448 11.59 -12.43 19.05
C GLU A 448 11.13 -13.55 18.14
N ILE A 449 12.06 -14.28 17.53
CA ILE A 449 11.69 -15.37 16.64
C ILE A 449 11.74 -16.68 17.42
N LYS A 450 10.69 -17.49 17.33
CA LYS A 450 10.66 -18.76 18.04
C LYS A 450 10.59 -19.94 17.10
N PHE A 451 11.47 -20.91 17.34
CA PHE A 451 11.49 -22.13 16.54
C PHE A 451 11.11 -23.27 17.46
N ASN A 452 10.16 -24.08 17.03
CA ASN A 452 9.71 -25.22 17.82
C ASN A 452 10.37 -26.52 17.36
N ALA A 453 10.43 -27.48 18.27
CA ALA A 453 11.05 -28.77 17.98
C ALA A 453 10.44 -29.50 16.78
N ASP A 454 9.13 -29.38 16.61
CA ASP A 454 8.45 -30.05 15.52
C ASP A 454 8.60 -29.30 14.19
N GLY A 455 9.45 -28.28 14.18
CA GLY A 455 9.67 -27.52 12.96
C GLY A 455 8.83 -26.28 12.74
N THR A 456 7.72 -26.14 13.43
CA THR A 456 6.88 -24.95 13.26
C THR A 456 7.60 -23.77 13.88
N PHE A 457 7.02 -22.58 13.77
CA PHE A 457 7.64 -21.39 14.34
C PHE A 457 6.66 -20.26 14.55
N GLN A 458 7.13 -19.23 15.24
CA GLN A 458 6.32 -18.06 15.51
C GLN A 458 7.15 -16.80 15.42
N ILE A 459 6.48 -15.69 15.10
CA ILE A 459 7.09 -14.38 15.01
C ILE A 459 6.00 -13.41 15.46
N PRO A 460 6.39 -12.16 15.82
CA PRO A 460 5.39 -11.18 16.26
C PRO A 460 4.27 -11.03 15.25
N SER A 461 3.07 -10.78 15.74
CA SER A 461 1.93 -10.62 14.85
C SER A 461 1.24 -9.29 15.11
N THR A 462 0.76 -9.12 16.34
CA THR A 462 0.08 -7.90 16.76
C THR A 462 1.00 -7.25 17.79
N ILE A 463 1.25 -5.96 17.63
CA ILE A 463 2.12 -5.23 18.54
C ILE A 463 1.40 -4.00 19.11
N ASP A 464 1.95 -3.44 20.18
CA ASP A 464 1.34 -2.29 20.82
C ASP A 464 2.42 -1.29 21.22
N TRP A 465 2.03 -0.06 21.54
CA TRP A 465 3.00 0.99 21.89
C TRP A 465 2.71 1.84 23.12
N GLU A 466 3.78 2.44 23.63
CA GLU A 466 3.71 3.28 24.81
C GLU A 466 4.70 4.42 24.64
N GLY A 467 4.30 5.62 25.04
CA GLY A 467 5.17 6.78 24.94
C GLY A 467 5.20 7.36 23.53
N GLN A 468 6.16 8.24 23.29
CA GLN A 468 6.33 8.87 22.00
C GLN A 468 7.80 9.19 21.86
N PRO A 469 8.28 9.35 20.62
CA PRO A 469 9.69 9.66 20.41
C PRO A 469 9.99 11.08 20.86
N ASP A 470 11.26 11.40 21.07
CA ASP A 470 11.63 12.75 21.46
C ASP A 470 11.52 13.63 20.23
N THR A 471 11.27 14.92 20.44
CA THR A 471 11.15 15.84 19.32
C THR A 471 12.44 15.79 18.52
N TRP A 472 12.31 15.65 17.21
CA TRP A 472 13.45 15.55 16.32
C TRP A 472 14.28 16.81 16.14
N ASN A 473 15.55 16.73 16.51
CA ASN A 473 16.48 17.84 16.33
C ASN A 473 17.52 17.29 15.35
N PRO A 474 17.42 17.70 14.08
CA PRO A 474 18.32 17.27 13.00
C PRO A 474 19.81 17.36 13.30
N THR A 475 20.23 18.35 14.08
CA THR A 475 21.64 18.50 14.43
C THR A 475 22.02 17.54 15.54
N GLN A 476 21.10 17.34 16.48
CA GLN A 476 21.31 16.45 17.61
C GLN A 476 21.27 15.00 17.12
N GLY A 477 20.18 14.65 16.45
CA GLY A 477 20.04 13.30 15.94
C GLY A 477 19.22 12.42 16.84
N TYR A 478 19.50 11.12 16.78
CA TYR A 478 18.79 10.12 17.57
C TYR A 478 19.17 10.16 19.04
N THR A 479 18.19 10.51 19.87
CA THR A 479 18.37 10.60 21.32
C THR A 479 18.35 9.21 21.94
N GLY A 480 17.75 8.27 21.23
CA GLY A 480 17.65 6.91 21.73
C GLY A 480 16.22 6.56 22.05
N ASN A 481 15.39 7.59 22.19
CA ASN A 481 13.97 7.43 22.49
C ASN A 481 13.70 6.47 23.65
N ALA A 482 14.28 6.76 24.81
CA ALA A 482 14.11 5.92 25.98
C ALA A 482 12.66 5.84 26.50
N ASN A 483 11.82 6.79 26.14
CA ASN A 483 10.43 6.77 26.60
C ASN A 483 9.45 6.23 25.57
N LEU A 484 9.97 5.65 24.49
CA LEU A 484 9.14 5.05 23.44
C LEU A 484 9.36 3.54 23.43
N HIS A 485 8.30 2.78 23.74
CA HIS A 485 8.41 1.32 23.80
C HIS A 485 7.43 0.54 22.94
N VAL A 486 7.85 -0.66 22.54
CA VAL A 486 7.02 -1.54 21.75
C VAL A 486 6.71 -2.76 22.61
N LYS A 487 5.48 -3.24 22.55
CA LYS A 487 5.07 -4.40 23.31
C LYS A 487 4.51 -5.39 22.29
N VAL A 488 4.91 -6.64 22.41
CA VAL A 488 4.39 -7.63 21.49
C VAL A 488 3.15 -8.25 22.13
N VAL A 489 1.99 -7.97 21.54
CA VAL A 489 0.71 -8.48 22.04
C VAL A 489 0.59 -9.99 21.86
N ASN A 490 0.81 -10.48 20.64
CA ASN A 490 0.74 -11.90 20.39
C ASN A 490 1.52 -12.32 19.16
N TYR A 491 1.90 -13.60 19.13
CA TYR A 491 2.67 -14.17 18.03
C TYR A 491 1.79 -14.96 17.09
N GLY A 492 2.37 -15.38 15.98
CA GLY A 492 1.62 -16.15 15.01
C GLY A 492 2.56 -16.74 13.98
N THR A 493 1.98 -17.28 12.91
CA THR A 493 2.76 -17.89 11.85
C THR A 493 2.35 -17.32 10.50
N ASP A 494 2.53 -16.01 10.34
CA ASP A 494 2.19 -15.33 9.11
C ASP A 494 3.28 -15.63 8.08
N LEU A 495 2.96 -16.48 7.12
CA LEU A 495 3.92 -16.88 6.12
C LEU A 495 4.40 -15.71 5.25
N GLY A 496 3.55 -14.70 5.07
CA GLY A 496 3.95 -13.56 4.28
C GLY A 496 4.99 -12.73 5.02
N CYS A 497 4.69 -12.42 6.28
CA CYS A 497 5.58 -11.63 7.11
C CYS A 497 6.86 -12.40 7.43
N ALA A 498 6.75 -13.72 7.57
CA ALA A 498 7.91 -14.56 7.85
C ALA A 498 8.84 -14.46 6.65
N SER A 499 8.25 -14.55 5.46
CA SER A 499 9.00 -14.47 4.23
C SER A 499 9.66 -13.11 4.07
N SER A 500 8.89 -12.06 4.31
CA SER A 500 9.41 -10.70 4.20
C SER A 500 10.53 -10.51 5.22
N LEU A 501 10.43 -11.22 6.34
CA LEU A 501 11.44 -11.14 7.38
C LEU A 501 12.71 -11.83 6.88
N ALA A 502 12.57 -13.01 6.29
CA ALA A 502 13.71 -13.73 5.76
C ALA A 502 14.45 -12.84 4.77
N ASN A 503 13.69 -12.18 3.90
CA ASN A 503 14.26 -11.28 2.89
C ASN A 503 15.12 -10.19 3.53
N THR A 504 14.54 -9.49 4.51
CA THR A 504 15.24 -8.41 5.20
C THR A 504 16.53 -8.87 5.86
N LEU A 505 16.47 -9.96 6.60
CA LEU A 505 17.65 -10.48 7.27
C LEU A 505 18.74 -10.97 6.31
N THR A 506 18.33 -11.45 5.14
CA THR A 506 19.30 -11.94 4.16
C THR A 506 20.17 -10.82 3.61
N TYR A 507 19.54 -9.74 3.15
CA TYR A 507 20.28 -8.59 2.62
C TYR A 507 21.20 -8.01 3.69
N TYR A 508 20.66 -7.83 4.89
CA TYR A 508 21.42 -7.26 6.00
C TYR A 508 22.65 -8.11 6.35
N ALA A 509 22.45 -9.42 6.49
CA ALA A 509 23.54 -10.32 6.82
C ALA A 509 24.58 -10.32 5.71
N ALA A 510 24.11 -10.32 4.47
CA ALA A 510 24.99 -10.33 3.31
C ALA A 510 25.93 -9.14 3.29
N LYS A 511 25.54 -8.06 3.98
CA LYS A 511 26.36 -6.88 4.00
C LYS A 511 27.14 -6.72 5.31
N SER A 512 26.52 -7.11 6.42
CA SER A 512 27.17 -6.95 7.71
C SER A 512 27.90 -8.18 8.24
N GLY A 513 27.53 -9.35 7.74
CA GLY A 513 28.17 -10.57 8.22
C GLY A 513 27.51 -11.15 9.45
N ASP A 514 26.43 -10.53 9.92
CA ASP A 514 25.74 -11.03 11.10
C ASP A 514 25.23 -12.46 10.89
N GLU A 515 26.02 -13.43 11.36
CA GLU A 515 25.67 -14.84 11.23
C GLU A 515 24.28 -15.16 11.75
N THR A 516 23.90 -14.52 12.84
CA THR A 516 22.60 -14.74 13.46
C THR A 516 21.50 -14.41 12.47
N SER A 517 21.65 -13.29 11.79
CA SER A 517 20.64 -12.89 10.81
C SER A 517 20.59 -13.93 9.70
N ARG A 518 21.75 -14.41 9.26
CA ARG A 518 21.78 -15.41 8.19
C ARG A 518 21.14 -16.73 8.57
N GLN A 519 21.54 -17.33 9.69
CA GLN A 519 20.95 -18.60 10.06
C GLN A 519 19.45 -18.54 10.34
N ASN A 520 18.97 -17.41 10.87
CA ASN A 520 17.55 -17.25 11.12
C ASN A 520 16.78 -17.15 9.80
N ALA A 521 17.29 -16.34 8.87
CA ALA A 521 16.64 -16.18 7.59
C ALA A 521 16.50 -17.52 6.88
N GLN A 522 17.55 -18.33 6.98
CA GLN A 522 17.52 -19.64 6.33
C GLN A 522 16.66 -20.65 7.07
N LYS A 523 16.63 -20.56 8.39
CA LYS A 523 15.82 -21.48 9.19
C LYS A 523 14.35 -21.19 8.86
N LEU A 524 14.02 -19.92 8.72
CA LEU A 524 12.66 -19.49 8.38
C LEU A 524 12.25 -20.07 7.04
N LEU A 525 13.10 -19.88 6.03
CA LEU A 525 12.80 -20.39 4.70
C LEU A 525 12.70 -21.91 4.72
N ASP A 526 13.59 -22.57 5.46
CA ASP A 526 13.57 -24.02 5.54
C ASP A 526 12.30 -24.48 6.25
N ALA A 527 11.98 -23.83 7.35
CA ALA A 527 10.79 -24.18 8.12
C ALA A 527 9.55 -24.12 7.23
N MET A 528 9.38 -23.01 6.52
CA MET A 528 8.23 -22.86 5.66
C MET A 528 8.19 -23.86 4.52
N TRP A 529 9.34 -24.12 3.90
CA TRP A 529 9.40 -25.09 2.80
C TRP A 529 9.06 -26.50 3.25
N ASN A 530 9.68 -26.94 4.33
CA ASN A 530 9.45 -28.28 4.82
C ASN A 530 8.11 -28.54 5.48
N ASN A 531 7.62 -27.62 6.32
CA ASN A 531 6.37 -27.86 7.03
C ASN A 531 5.10 -27.14 6.58
N TYR A 532 5.19 -26.24 5.61
CA TYR A 532 3.99 -25.53 5.20
C TYR A 532 3.66 -25.57 3.73
N SER A 533 4.37 -26.39 2.96
CA SER A 533 4.10 -26.47 1.54
C SER A 533 2.80 -27.22 1.25
N ASP A 534 2.18 -26.89 0.14
CA ASP A 534 0.97 -27.57 -0.30
C ASP A 534 0.94 -27.46 -1.80
N SER A 535 -0.12 -27.99 -2.40
CA SER A 535 -0.25 -27.99 -3.85
C SER A 535 -0.25 -26.60 -4.50
N LYS A 536 -0.74 -25.59 -3.80
CA LYS A 536 -0.81 -24.23 -4.35
C LYS A 536 0.25 -23.24 -3.91
N GLY A 537 1.20 -23.71 -3.10
CA GLY A 537 2.27 -22.84 -2.59
C GLY A 537 2.55 -23.21 -1.15
N ILE A 538 2.21 -22.31 -0.23
CA ILE A 538 2.41 -22.58 1.20
C ILE A 538 1.19 -22.07 1.94
N SER A 539 0.93 -22.60 3.13
CA SER A 539 -0.21 -22.17 3.91
C SER A 539 -0.23 -22.74 5.32
N THR A 540 -1.20 -22.31 6.08
CA THR A 540 -1.38 -22.76 7.45
C THR A 540 -2.80 -22.37 7.83
N VAL A 541 -3.35 -23.00 8.84
CA VAL A 541 -4.68 -22.64 9.28
C VAL A 541 -4.51 -21.45 10.20
N GLU A 542 -5.38 -20.45 10.06
CA GLU A 542 -5.31 -19.27 10.90
C GLU A 542 -6.72 -18.87 11.30
N GLN A 543 -6.86 -18.19 12.44
CA GLN A 543 -8.18 -17.77 12.88
C GLN A 543 -8.57 -16.46 12.24
N ARG A 544 -9.86 -16.30 11.94
CA ARG A 544 -10.38 -15.07 11.36
C ARG A 544 -11.21 -14.43 12.47
N GLY A 545 -10.51 -13.85 13.43
CA GLY A 545 -11.14 -13.23 14.58
C GLY A 545 -12.09 -12.08 14.41
N ASP A 546 -12.24 -11.56 13.21
CA ASP A 546 -13.14 -10.42 12.99
C ASP A 546 -14.34 -10.75 12.15
N TYR A 547 -14.42 -11.99 11.69
CA TYR A 547 -15.52 -12.38 10.83
C TYR A 547 -16.92 -12.25 11.38
N HIS A 548 -17.06 -12.03 12.68
CA HIS A 548 -18.39 -11.87 13.26
C HIS A 548 -18.96 -10.54 12.78
N ARG A 549 -18.08 -9.64 12.32
CA ARG A 549 -18.51 -8.35 11.83
C ARG A 549 -19.25 -8.55 10.50
N PHE A 550 -19.09 -9.74 9.94
CA PHE A 550 -19.77 -10.10 8.70
C PHE A 550 -21.27 -9.93 8.96
N LEU A 551 -21.70 -10.39 10.13
CA LEU A 551 -23.09 -10.35 10.52
C LEU A 551 -23.51 -9.29 11.54
N ASP A 552 -22.61 -8.92 12.44
CA ASP A 552 -23.00 -7.94 13.45
C ASP A 552 -22.60 -6.48 13.23
N GLN A 553 -21.79 -6.21 12.21
CA GLN A 553 -21.34 -4.84 11.96
C GLN A 553 -22.34 -3.98 11.20
N GLU A 554 -22.75 -2.90 11.86
CA GLU A 554 -23.70 -1.95 11.30
C GLU A 554 -22.93 -0.98 10.40
N VAL A 555 -23.51 -0.62 9.26
CA VAL A 555 -22.89 0.31 8.33
C VAL A 555 -23.69 1.62 8.39
N PHE A 556 -22.99 2.74 8.59
CA PHE A 556 -23.69 4.01 8.68
C PHE A 556 -24.15 4.53 7.34
N VAL A 557 -25.42 4.89 7.29
CA VAL A 557 -26.03 5.47 6.11
C VAL A 557 -26.73 6.70 6.68
N PRO A 558 -26.49 7.88 6.09
CA PRO A 558 -27.14 9.08 6.63
C PRO A 558 -28.67 9.09 6.61
N ALA A 559 -29.25 9.81 7.58
CA ALA A 559 -30.69 9.94 7.71
C ALA A 559 -31.38 10.43 6.43
N GLY A 560 -32.34 9.65 5.92
CA GLY A 560 -33.05 10.04 4.71
C GLY A 560 -32.48 9.52 3.40
N TRP A 561 -31.26 9.02 3.45
CA TRP A 561 -30.58 8.51 2.26
C TRP A 561 -30.96 7.05 2.00
N THR A 562 -31.36 6.73 0.77
CA THR A 562 -31.70 5.36 0.40
C THR A 562 -31.23 5.08 -1.04
N GLY A 563 -30.61 3.93 -1.24
CA GLY A 563 -30.14 3.58 -2.57
C GLY A 563 -30.06 2.10 -2.82
N LYS A 564 -29.53 1.74 -3.98
CA LYS A 564 -29.39 0.33 -4.35
C LYS A 564 -28.02 0.00 -4.92
N MET A 565 -27.56 -1.21 -4.64
CA MET A 565 -26.29 -1.68 -5.18
C MET A 565 -26.73 -2.31 -6.50
N PRO A 566 -25.82 -2.41 -7.48
CA PRO A 566 -26.19 -2.99 -8.77
C PRO A 566 -27.06 -4.26 -8.72
N ASN A 567 -26.79 -5.15 -7.77
CA ASN A 567 -27.54 -6.40 -7.66
C ASN A 567 -28.92 -6.22 -7.03
N GLY A 568 -29.22 -4.99 -6.60
CA GLY A 568 -30.52 -4.75 -6.00
C GLY A 568 -30.56 -4.60 -4.49
N ASP A 569 -29.47 -4.86 -3.79
CA ASP A 569 -29.48 -4.70 -2.34
C ASP A 569 -29.79 -3.26 -1.95
N VAL A 570 -30.77 -3.09 -1.07
CA VAL A 570 -31.16 -1.77 -0.61
C VAL A 570 -30.16 -1.21 0.40
N ILE A 571 -29.82 0.06 0.26
CA ILE A 571 -28.90 0.73 1.17
C ILE A 571 -29.68 1.76 1.97
N LYS A 572 -29.79 1.51 3.27
CA LYS A 572 -30.51 2.40 4.16
C LYS A 572 -29.96 2.23 5.55
N SER A 573 -30.31 3.14 6.45
CA SER A 573 -29.84 3.04 7.82
C SER A 573 -30.25 1.70 8.38
N GLY A 574 -29.36 1.07 9.14
CA GLY A 574 -29.69 -0.21 9.74
C GLY A 574 -29.08 -1.42 9.08
N VAL A 575 -28.66 -1.30 7.83
CA VAL A 575 -28.07 -2.44 7.13
C VAL A 575 -26.77 -2.85 7.80
N LYS A 576 -26.35 -4.10 7.57
CA LYS A 576 -25.10 -4.61 8.13
C LYS A 576 -24.16 -4.92 6.97
N PHE A 577 -22.91 -5.23 7.29
CA PHE A 577 -21.92 -5.56 6.26
C PHE A 577 -22.52 -6.46 5.18
N ILE A 578 -23.00 -7.61 5.59
CA ILE A 578 -23.57 -8.59 4.68
C ILE A 578 -24.77 -8.11 3.86
N ASP A 579 -25.55 -7.18 4.41
CA ASP A 579 -26.74 -6.71 3.69
C ASP A 579 -26.50 -5.96 2.37
N ILE A 580 -25.36 -5.33 2.19
CA ILE A 580 -25.11 -4.63 0.94
C ILE A 580 -24.14 -5.41 0.05
N ARG A 581 -23.93 -6.68 0.42
CA ARG A 581 -23.06 -7.62 -0.29
C ARG A 581 -23.71 -9.00 -0.21
N SER A 582 -25.01 -9.08 -0.48
CA SER A 582 -25.71 -10.36 -0.37
C SER A 582 -25.18 -11.52 -1.23
N LYS A 583 -24.37 -11.23 -2.24
CA LYS A 583 -23.82 -12.29 -3.07
C LYS A 583 -22.85 -13.16 -2.29
N TYR A 584 -22.34 -12.63 -1.18
CA TYR A 584 -21.40 -13.37 -0.35
C TYR A 584 -22.03 -14.66 0.18
N LYS A 585 -23.36 -14.77 0.08
CA LYS A 585 -24.04 -15.96 0.56
C LYS A 585 -23.94 -17.14 -0.39
N GLN A 586 -23.41 -16.91 -1.58
CA GLN A 586 -23.23 -17.97 -2.58
C GLN A 586 -21.81 -18.50 -2.50
N ASP A 587 -21.00 -17.94 -1.60
CA ASP A 587 -19.63 -18.40 -1.50
C ASP A 587 -19.56 -19.82 -0.97
N PRO A 588 -18.65 -20.63 -1.51
CA PRO A 588 -18.46 -22.03 -1.12
C PRO A 588 -18.13 -22.17 0.37
N GLU A 589 -17.49 -21.16 0.95
CA GLU A 589 -17.13 -21.18 2.35
C GLU A 589 -18.14 -20.51 3.28
N TRP A 590 -19.21 -19.98 2.73
CA TRP A 590 -20.21 -19.28 3.54
C TRP A 590 -20.87 -20.07 4.67
N GLN A 591 -21.50 -21.20 4.34
CA GLN A 591 -22.18 -22.01 5.36
C GLN A 591 -21.19 -22.44 6.45
N THR A 592 -19.98 -22.84 6.04
CA THR A 592 -18.96 -23.26 6.98
C THR A 592 -18.60 -22.13 7.93
N MET A 593 -18.51 -20.92 7.41
CA MET A 593 -18.17 -19.74 8.20
C MET A 593 -19.29 -19.40 9.19
N VAL A 594 -20.53 -19.38 8.72
CA VAL A 594 -21.67 -19.07 9.58
C VAL A 594 -21.94 -20.15 10.65
N ALA A 595 -21.79 -21.42 10.30
CA ALA A 595 -22.01 -22.49 11.27
C ALA A 595 -21.07 -22.33 12.46
N ALA A 596 -19.84 -21.93 12.20
CA ALA A 596 -18.86 -21.74 13.26
C ALA A 596 -19.26 -20.57 14.17
N LEU A 597 -19.76 -19.49 13.57
CA LEU A 597 -20.18 -18.34 14.35
C LEU A 597 -21.35 -18.72 15.24
N GLN A 598 -22.34 -19.38 14.65
CA GLN A 598 -23.53 -19.82 15.38
C GLN A 598 -23.16 -20.66 16.60
N ALA A 599 -22.18 -21.55 16.44
CA ALA A 599 -21.76 -22.42 17.53
C ALA A 599 -20.79 -21.70 18.45
N GLY A 600 -20.58 -20.42 18.20
CA GLY A 600 -19.68 -19.63 19.03
C GLY A 600 -18.21 -19.94 18.91
N GLN A 601 -17.74 -20.26 17.71
CA GLN A 601 -16.32 -20.54 17.50
C GLN A 601 -15.77 -19.48 16.57
N VAL A 602 -14.48 -19.19 16.66
CA VAL A 602 -13.89 -18.22 15.75
C VAL A 602 -13.63 -19.02 14.49
N PRO A 603 -14.10 -18.53 13.34
CA PRO A 603 -13.87 -19.27 12.10
C PRO A 603 -12.38 -19.38 11.82
N THR A 604 -12.00 -20.32 10.96
CA THR A 604 -10.61 -20.50 10.58
C THR A 604 -10.54 -20.70 9.06
N GLN A 605 -9.39 -20.41 8.47
CA GLN A 605 -9.19 -20.57 7.05
C GLN A 605 -7.77 -20.94 6.73
N ARG A 606 -7.57 -21.48 5.54
CA ARG A 606 -6.26 -21.87 5.05
C ARG A 606 -6.16 -20.99 3.81
N LEU A 607 -5.59 -19.81 3.98
CA LEU A 607 -5.51 -18.84 2.91
C LEU A 607 -4.26 -18.79 2.02
N HIS A 608 -4.48 -18.37 0.79
CA HIS A 608 -3.40 -18.22 -0.17
C HIS A 608 -3.43 -16.80 -0.72
N ARG A 609 -2.78 -15.88 0.00
CA ARG A 609 -2.70 -14.49 -0.41
C ARG A 609 -1.61 -14.39 -1.46
N PHE A 610 -1.95 -13.86 -2.62
CA PHE A 610 -1.02 -13.74 -3.73
C PHE A 610 0.31 -13.11 -3.32
N TRP A 611 0.25 -12.03 -2.57
CA TRP A 611 1.49 -11.37 -2.17
C TRP A 611 2.35 -12.19 -1.21
N ALA A 612 1.72 -13.00 -0.36
CA ALA A 612 2.49 -13.82 0.57
C ALA A 612 3.24 -14.90 -0.21
N GLN A 613 2.57 -15.47 -1.22
CA GLN A 613 3.20 -16.50 -2.03
C GLN A 613 4.40 -15.92 -2.78
N SER A 614 4.18 -14.79 -3.44
CA SER A 614 5.26 -14.15 -4.18
C SER A 614 6.40 -13.77 -3.24
N GLU A 615 6.03 -13.32 -2.04
CA GLU A 615 7.00 -12.93 -1.04
C GLU A 615 7.89 -14.12 -0.68
N PHE A 616 7.28 -15.31 -0.59
CA PHE A 616 8.04 -16.50 -0.26
C PHE A 616 8.98 -16.87 -1.39
N ALA A 617 8.51 -16.76 -2.63
CA ALA A 617 9.34 -17.09 -3.77
C ALA A 617 10.51 -16.10 -3.84
N VAL A 618 10.19 -14.81 -3.95
CA VAL A 618 11.21 -13.77 -4.01
C VAL A 618 12.25 -13.98 -2.92
N ALA A 619 11.77 -14.27 -1.70
CA ALA A 619 12.65 -14.48 -0.56
C ALA A 619 13.64 -15.61 -0.87
N ASN A 620 13.15 -16.69 -1.46
CA ASN A 620 14.03 -17.80 -1.81
C ASN A 620 15.04 -17.34 -2.85
N GLY A 621 14.61 -16.49 -3.79
CA GLY A 621 15.51 -16.01 -4.82
C GLY A 621 16.64 -15.18 -4.24
N VAL A 622 16.29 -14.29 -3.32
CA VAL A 622 17.28 -13.43 -2.69
C VAL A 622 18.36 -14.24 -1.99
N TYR A 623 17.94 -15.28 -1.27
CA TYR A 623 18.89 -16.11 -0.56
C TYR A 623 19.81 -16.84 -1.53
N ALA A 624 19.22 -17.45 -2.55
CA ALA A 624 20.00 -18.18 -3.55
C ALA A 624 21.06 -17.29 -4.19
N ILE A 625 20.76 -16.01 -4.31
CA ILE A 625 21.69 -15.07 -4.93
C ILE A 625 22.80 -14.57 -4.03
N LEU A 626 22.46 -14.24 -2.78
CA LEU A 626 23.45 -13.69 -1.85
C LEU A 626 24.34 -14.69 -1.12
N PHE A 627 23.89 -15.94 -1.03
CA PHE A 627 24.65 -16.97 -0.35
C PHE A 627 24.70 -18.22 -1.23
N PRO A 628 25.51 -18.17 -2.30
CA PRO A 628 25.75 -19.18 -3.33
C PRO A 628 26.26 -20.54 -2.83
N ASP A 629 26.67 -20.60 -1.56
CA ASP A 629 27.17 -21.86 -1.02
C ASP A 629 26.38 -22.26 0.23
#